data_7MWW
#
_entry.id   7MWW
#
_cell.length_a   95.840
_cell.length_b   155.561
_cell.length_c   129.420
_cell.angle_alpha   90.00
_cell.angle_beta   90.00
_cell.angle_gamma   90.00
#
_symmetry.space_group_name_H-M   'C 2 2 21'
#
loop_
_entity.id
_entity.type
_entity.pdbx_description
1 polymer 'Core protein precursor eE2'
2 polymer '2A12 Fab Heavy chain'
3 polymer '2A12 Fab light chain'
4 branched beta-D-mannopyranose-(1-4)-2-acetamido-2-deoxy-beta-D-glucopyranose-(1-4)-2-acetamido-2-deoxy-beta-D-glucopyranose
5 branched 2-acetamido-2-deoxy-beta-D-glucopyranose-(1-4)-2-acetamido-2-deoxy-beta-D-glucopyranose
6 non-polymer 2-acetamido-2-deoxy-beta-D-glucopyranose
7 water water
#
loop_
_entity_poly.entity_id
_entity_poly.type
_entity_poly.pdbx_seq_one_letter_code
_entity_poly.pdbx_strand_id
1 'polypeptide(L)'
;RTHTVGGSAAQTTGRLTSLFDMGPRQKIQLVNTNGSWHINRTALNCNDSLHTGFIASLFYTHSFNSSGCPERMSACRSIE
AFRVGWGALQYEDNVTNPEDMRPYCWHYPPRQCGVVSAKTVCGPVYCFTPSPVVVGTTDRLGAPTYTWGENETDVFLLNS
TRPPLGSWFGCTWMNSSGYTKTCGAPPCRTRADFNASTDLLCPTDCFRKHPDTTYLKCGSGPWLTPRCLIDYPYRLWHYP
CTVNYTIFKIRMYVGGVEHRLTAACNFTRGDR
;
E
2 'polypeptide(L)'
;EVQLQQSGAELVKPGASVKLSCTASGFNIKDTYIHWVNQRPEQGLEWIGRIDPANGHTQYDPKFQGKATITADTSSNTAY
LQLSSLTSEDTAVYYCATSDYSYALDSWGQGTSVTVSSAKTTAPSVYPLAPVCGDTTGSSVTLGCLVKGYFPEPVTLTWN
SGSLSSGVHTFPAVLQSDLYTLSSSVTVTSSTWPSQSITCNVAHPASSTKVDKKIEPRGPT
;
H
3 'polypeptide(L)'
;MESQTQVLMFLLLWVSGACADIVMTQSPSSLAMSVGQKVTMSCKSSQSLLNSNNQKNYLAWYQQKPGQSPKLLVYFASTR
ESGVPDRFIGSGSGTDFTLTISSVQAEDLADYFCQQHYSTPYTFGGGTKLEIRRADAAPTVSIFPPSSEQLTSGGASVVC
FLNNFYPKDINVKWKIDGSERQNGVLNSWTDQDSKDSTYSMSSTLTLTKDEYERHNSYTCEATHKTSTSPIVKSFNRNEC
;
L
#
# COMPACT_ATOMS: atom_id res chain seq x y z
N ILE A 39 -31.72 6.72 20.03
CA ILE A 39 -32.71 7.77 19.81
C ILE A 39 -32.26 8.67 18.67
N ASN A 40 -33.05 8.72 17.58
CA ASN A 40 -32.66 9.54 16.44
C ASN A 40 -32.93 11.02 16.73
N ARG A 41 -32.35 11.86 15.87
CA ARG A 41 -32.42 13.31 16.09
C ARG A 41 -32.40 13.99 14.71
N THR A 42 -33.55 13.94 14.04
CA THR A 42 -33.73 14.53 12.72
C THR A 42 -35.12 15.17 12.67
N ALA A 43 -35.18 16.38 12.13
CA ALA A 43 -36.37 17.22 12.25
C ALA A 43 -37.06 17.37 10.90
N LEU A 44 -38.31 16.91 10.84
CA LEU A 44 -39.13 16.97 9.64
C LEU A 44 -40.44 17.66 9.99
N ASN A 45 -40.67 18.85 9.42
CA ASN A 45 -41.91 19.63 9.60
C ASN A 45 -42.42 19.95 8.21
N CYS A 46 -43.16 19.02 7.61
CA CYS A 46 -43.53 19.11 6.20
C CYS A 46 -45.04 19.11 6.07
N ASN A 47 -45.57 20.17 5.45
CA ASN A 47 -46.97 20.21 5.04
C ASN A 47 -47.07 21.28 3.96
N ASP A 48 -47.34 20.88 2.75
CA ASP A 48 -47.22 21.81 1.64
C ASP A 48 -48.50 22.61 1.47
N SER A 49 -48.56 23.79 2.10
CA SER A 49 -49.73 24.65 1.97
C SER A 49 -50.01 24.98 0.50
N LEU A 50 -49.06 25.66 -0.15
CA LEU A 50 -48.98 25.60 -1.61
C LEU A 50 -48.72 24.16 -2.01
N HIS A 51 -49.37 23.66 -3.04
CA HIS A 51 -49.28 22.21 -3.26
C HIS A 51 -48.38 21.84 -4.43
N THR A 52 -47.14 22.29 -4.20
CA THR A 52 -45.89 21.63 -4.51
C THR A 52 -45.91 20.12 -4.80
N GLY A 53 -46.55 19.37 -3.91
CA GLY A 53 -46.28 17.94 -3.88
C GLY A 53 -44.84 17.63 -3.59
N PHE A 54 -44.21 18.40 -2.68
CA PHE A 54 -42.77 18.24 -2.45
C PHE A 54 -42.48 17.04 -1.58
N ILE A 55 -43.26 16.81 -0.51
CA ILE A 55 -43.06 15.63 0.33
C ILE A 55 -43.54 14.36 -0.35
N ALA A 56 -44.27 14.48 -1.47
CA ALA A 56 -44.54 13.34 -2.33
C ALA A 56 -43.31 12.89 -3.10
N SER A 57 -42.19 13.62 -2.99
CA SER A 57 -40.99 13.33 -3.75
C SER A 57 -39.95 12.54 -2.97
N LEU A 58 -40.24 12.14 -1.73
CA LEU A 58 -39.33 11.29 -0.97
C LEU A 58 -39.44 9.82 -1.35
N PHE A 59 -40.53 9.44 -2.04
CA PHE A 59 -40.77 8.08 -2.49
C PHE A 59 -40.75 8.07 -4.02
N TYR A 60 -39.68 7.55 -4.60
CA TYR A 60 -39.46 7.68 -6.04
C TYR A 60 -40.01 6.45 -6.78
N THR A 61 -39.59 6.27 -8.03
CA THR A 61 -40.28 5.52 -9.09
C THR A 61 -41.51 6.31 -9.53
N HIS A 62 -41.81 7.37 -8.78
CA HIS A 62 -42.95 8.29 -8.91
C HIS A 62 -42.54 9.75 -8.79
N SER A 63 -41.59 10.06 -7.90
CA SER A 63 -41.23 11.44 -7.58
C SER A 63 -40.60 12.19 -8.73
N PHE A 64 -40.11 11.48 -9.75
CA PHE A 64 -39.43 12.15 -10.86
C PHE A 64 -40.41 12.98 -11.68
N ASN A 65 -40.67 14.20 -11.23
CA ASN A 65 -41.52 15.15 -11.93
C ASN A 65 -40.91 16.54 -11.75
N SER A 66 -40.83 17.29 -12.85
CA SER A 66 -40.27 18.64 -12.82
C SER A 66 -40.68 19.41 -14.06
N SER A 67 -41.97 19.29 -14.34
CA SER A 67 -42.61 19.91 -15.51
C SER A 67 -42.13 21.35 -15.64
N GLY A 68 -41.85 22.00 -14.51
CA GLY A 68 -41.40 23.41 -14.50
C GLY A 68 -40.00 23.59 -13.93
N CYS A 69 -39.02 23.77 -14.80
CA CYS A 69 -37.63 23.98 -14.35
C CYS A 69 -37.08 25.27 -14.98
N PRO A 70 -38.19 25.76 -15.85
CA PRO A 70 -37.59 26.92 -16.53
C PRO A 70 -36.99 27.99 -15.60
N HIS A 107 -29.97 31.37 -7.77
CA HIS A 107 -29.63 29.95 -7.65
C HIS A 107 -28.60 29.73 -6.53
N TYR A 108 -27.32 29.82 -6.89
CA TYR A 108 -26.22 29.59 -5.94
C TYR A 108 -25.88 30.78 -5.03
N PRO A 109 -25.99 32.04 -5.46
CA PRO A 109 -25.61 33.15 -4.56
C PRO A 109 -26.59 33.28 -3.41
N PRO A 110 -26.10 33.11 -2.16
CA PRO A 110 -27.02 33.11 -1.01
C PRO A 110 -26.76 34.22 -0.01
N ARG A 111 -26.98 33.92 1.25
CA ARG A 111 -26.53 34.72 2.38
C ARG A 111 -25.86 33.80 3.39
N GLN A 112 -24.84 34.30 4.07
CA GLN A 112 -23.99 33.47 4.90
C GLN A 112 -24.80 32.77 6.01
N CYS A 113 -24.37 31.55 6.33
CA CYS A 113 -25.11 30.71 7.28
C CYS A 113 -25.12 31.32 8.67
N GLY A 114 -26.33 31.48 9.22
CA GLY A 114 -26.50 31.82 10.62
C GLY A 114 -26.98 30.60 11.38
N VAL A 115 -28.06 30.72 12.13
CA VAL A 115 -28.65 29.59 12.83
C VAL A 115 -30.13 29.53 12.47
N VAL A 116 -30.55 28.40 11.92
CA VAL A 116 -31.95 28.07 11.73
C VAL A 116 -32.39 27.20 12.89
N SER A 117 -33.71 27.06 13.05
CA SER A 117 -34.31 26.20 14.06
C SER A 117 -35.47 25.41 13.49
N ALA A 118 -35.60 24.17 13.96
CA ALA A 118 -36.30 23.11 13.23
C ALA A 118 -37.67 23.50 12.69
N LYS A 119 -38.34 24.50 13.26
CA LYS A 119 -39.65 24.88 12.72
C LYS A 119 -39.58 25.21 11.24
N THR A 120 -38.45 25.76 10.79
CA THR A 120 -38.29 26.12 9.38
C THR A 120 -37.77 24.97 8.52
N VAL A 121 -37.53 23.79 9.09
CA VAL A 121 -36.86 22.71 8.37
C VAL A 121 -37.83 21.58 8.10
N CYS A 122 -37.61 20.90 6.98
CA CYS A 122 -38.27 19.64 6.66
C CYS A 122 -37.27 18.73 5.98
N GLY A 123 -37.01 17.57 6.59
CA GLY A 123 -36.05 16.64 6.08
C GLY A 123 -34.66 16.89 6.61
N PRO A 124 -33.67 16.17 6.07
CA PRO A 124 -32.29 16.34 6.53
C PRO A 124 -31.73 17.70 6.15
N VAL A 125 -30.57 18.00 6.74
CA VAL A 125 -29.91 19.31 6.57
C VAL A 125 -28.49 19.02 6.10
N TYR A 126 -28.30 18.88 4.79
CA TYR A 126 -27.00 18.54 4.24
C TYR A 126 -26.09 19.77 4.19
N CYS A 127 -24.79 19.50 4.29
CA CYS A 127 -23.80 20.53 4.60
C CYS A 127 -22.46 20.07 4.04
N PHE A 128 -21.78 20.94 3.30
CA PHE A 128 -20.68 20.50 2.47
C PHE A 128 -19.31 21.00 2.94
N THR A 129 -18.69 20.17 3.78
CA THR A 129 -17.32 19.76 3.54
C THR A 129 -17.30 19.22 2.10
N PRO A 130 -16.12 19.15 1.44
CA PRO A 130 -16.10 18.50 0.12
C PRO A 130 -17.02 17.30 0.12
N SER A 131 -16.91 16.46 1.18
CA SER A 131 -17.82 15.35 1.49
C SER A 131 -19.10 15.89 2.14
N PRO A 132 -20.27 15.39 1.73
CA PRO A 132 -21.51 15.87 2.34
C PRO A 132 -21.70 15.31 3.74
N VAL A 133 -22.26 16.14 4.62
CA VAL A 133 -22.55 15.74 5.99
C VAL A 133 -23.91 16.29 6.38
N VAL A 134 -24.66 15.54 7.19
CA VAL A 134 -25.92 15.99 7.76
C VAL A 134 -25.64 16.46 9.18
N VAL A 135 -26.25 17.58 9.55
CA VAL A 135 -26.07 18.15 10.88
C VAL A 135 -27.24 17.73 11.76
N GLY A 136 -26.94 17.49 13.03
CA GLY A 136 -27.92 16.98 13.96
C GLY A 136 -28.57 18.05 14.80
N THR A 137 -29.70 17.68 15.41
CA THR A 137 -30.42 18.60 16.29
C THR A 137 -29.62 18.84 17.56
N THR A 138 -29.64 20.08 18.05
CA THR A 138 -28.96 20.47 19.29
C THR A 138 -29.70 21.67 19.91
N ASP A 139 -29.12 22.26 20.94
CA ASP A 139 -29.81 23.39 21.57
C ASP A 139 -29.12 24.70 21.21
N ARG A 140 -29.10 25.66 22.14
CA ARG A 140 -28.26 26.84 21.95
C ARG A 140 -26.78 26.46 22.04
N LEU A 141 -26.44 25.54 22.94
CA LEU A 141 -25.10 24.99 23.01
C LEU A 141 -24.95 23.84 22.01
N GLY A 142 -23.98 22.96 22.24
CA GLY A 142 -23.70 21.88 21.32
C GLY A 142 -24.42 20.58 21.61
N ALA A 143 -24.97 20.45 22.82
CA ALA A 143 -25.62 19.20 23.22
C ALA A 143 -26.86 18.96 22.37
N PRO A 144 -27.10 17.73 21.93
CA PRO A 144 -28.13 17.46 20.93
C PRO A 144 -29.53 17.27 21.52
N THR A 145 -30.51 17.18 20.63
CA THR A 145 -31.93 17.28 20.97
C THR A 145 -32.61 15.93 21.20
N TYR A 146 -32.57 15.04 20.20
CA TYR A 146 -33.08 13.67 20.26
C TYR A 146 -34.60 13.57 20.29
N THR A 147 -35.33 14.60 19.84
CA THR A 147 -36.79 14.47 19.82
C THR A 147 -37.39 15.10 18.56
N TRP A 148 -36.66 15.04 17.43
CA TRP A 148 -37.21 15.35 16.11
C TRP A 148 -37.58 16.82 15.99
N GLY A 149 -36.77 17.68 16.62
CA GLY A 149 -36.79 19.12 16.40
C GLY A 149 -38.14 19.79 16.51
N GLU A 150 -38.46 20.28 17.72
CA GLU A 150 -39.85 20.66 18.01
C GLU A 150 -40.13 21.52 19.20
N ASN A 151 -39.09 21.87 19.88
CA ASN A 151 -39.17 22.60 21.11
C ASN A 151 -38.26 23.81 20.94
N GLU A 152 -38.70 24.74 20.10
CA GLU A 152 -37.92 25.93 19.72
C GLU A 152 -36.45 25.57 19.59
N THR A 153 -36.21 24.72 18.60
CA THR A 153 -35.05 23.83 18.58
C THR A 153 -33.93 24.42 17.73
N ASP A 154 -33.18 25.36 18.31
CA ASP A 154 -32.15 26.08 17.55
C ASP A 154 -30.98 25.15 17.24
N VAL A 155 -31.27 24.15 16.40
CA VAL A 155 -30.52 22.90 16.37
C VAL A 155 -29.43 22.84 15.32
N PHE A 156 -29.39 23.76 14.37
CA PHE A 156 -28.49 23.64 13.23
C PHE A 156 -27.54 24.83 13.22
N LEU A 157 -26.30 24.62 13.66
CA LEU A 157 -25.30 25.70 13.73
C LEU A 157 -24.46 25.74 12.46
N LEU A 158 -25.14 26.08 11.36
CA LEU A 158 -24.60 26.00 10.00
C LEU A 158 -23.49 27.01 9.72
N ASN A 159 -23.15 27.85 10.69
CA ASN A 159 -22.16 28.91 10.49
C ASN A 159 -20.74 28.36 10.71
N SER A 160 -19.86 28.68 9.76
CA SER A 160 -18.43 28.38 9.86
C SER A 160 -17.73 29.12 8.73
N THR A 161 -16.40 29.21 8.84
CA THR A 161 -15.63 29.94 7.83
C THR A 161 -15.40 29.07 6.60
N ARG A 162 -14.31 28.29 6.57
CA ARG A 162 -14.03 27.45 5.41
C ARG A 162 -13.19 26.26 5.83
N PRO A 163 -13.37 25.11 5.18
CA PRO A 163 -12.85 23.83 5.72
C PRO A 163 -11.34 23.83 5.97
N PRO A 164 -10.54 24.59 5.22
CA PRO A 164 -9.15 24.77 5.69
C PRO A 164 -9.08 25.24 7.14
N LEU A 165 -9.96 26.16 7.53
CA LEU A 165 -10.05 26.67 8.90
C LEU A 165 -11.28 26.15 9.63
N GLY A 166 -12.47 26.33 9.05
CA GLY A 166 -13.72 25.98 9.71
C GLY A 166 -14.23 24.60 9.35
N SER A 167 -15.55 24.44 9.45
CA SER A 167 -16.16 23.12 9.33
C SER A 167 -16.67 22.83 7.92
N TRP A 168 -17.22 23.82 7.21
CA TRP A 168 -17.72 23.57 5.87
C TRP A 168 -17.71 24.86 5.06
N PHE A 169 -17.94 24.71 3.74
CA PHE A 169 -18.06 25.83 2.82
C PHE A 169 -19.47 26.41 2.83
N GLY A 170 -20.46 25.58 2.55
CA GLY A 170 -21.85 26.01 2.50
C GLY A 170 -22.78 24.82 2.61
N CYS A 171 -24.08 25.10 2.54
CA CYS A 171 -25.06 24.15 3.06
C CYS A 171 -26.41 24.28 2.35
N THR A 172 -27.15 23.18 2.35
CA THR A 172 -28.48 23.13 1.75
C THR A 172 -29.40 22.25 2.58
N TRP A 173 -30.61 22.73 2.84
CA TRP A 173 -31.67 21.98 3.49
C TRP A 173 -32.98 22.37 2.81
N MET A 174 -34.03 21.57 3.00
CA MET A 174 -35.32 21.88 2.41
C MET A 174 -36.24 22.54 3.42
N ASN A 175 -36.66 23.76 3.10
CA ASN A 175 -37.75 24.45 3.79
C ASN A 175 -39.03 23.62 3.72
N SER A 176 -39.93 23.83 4.70
CA SER A 176 -41.29 23.31 4.61
C SER A 176 -42.08 24.01 3.51
N SER A 177 -41.53 25.06 2.90
CA SER A 177 -42.18 25.75 1.79
C SER A 177 -42.61 24.78 0.70
N GLY A 178 -41.81 23.75 0.45
CA GLY A 178 -41.88 22.97 -0.76
C GLY A 178 -40.74 23.25 -1.71
N TYR A 179 -40.19 24.45 -1.64
CA TYR A 179 -38.93 24.79 -2.29
C TYR A 179 -38.02 25.44 -1.26
N THR A 180 -36.72 25.26 -1.44
CA THR A 180 -35.74 25.67 -0.45
C THR A 180 -34.68 26.57 -1.07
N LYS A 181 -33.86 27.15 -0.19
CA LYS A 181 -32.73 27.98 -0.57
C LYS A 181 -31.47 27.43 0.07
N THR A 182 -30.34 27.91 -0.41
CA THR A 182 -29.03 27.40 -0.04
C THR A 182 -28.38 28.33 0.99
N CYS A 183 -27.06 28.21 1.14
CA CYS A 183 -26.27 29.09 1.98
C CYS A 183 -24.82 28.95 1.57
N GLY A 184 -24.01 29.91 1.98
CA GLY A 184 -22.61 29.87 1.59
C GLY A 184 -21.77 30.93 2.25
N ALA A 185 -20.46 30.68 2.25
CA ALA A 185 -19.40 31.55 2.75
C ALA A 185 -19.37 32.85 1.95
N PRO A 186 -18.60 33.86 2.39
CA PRO A 186 -18.51 35.11 1.61
C PRO A 186 -18.03 34.85 0.20
N PRO A 187 -18.74 35.38 -0.80
CA PRO A 187 -18.38 35.11 -2.20
C PRO A 187 -17.10 35.82 -2.64
N CYS A 188 -16.86 35.87 -3.95
CA CYS A 188 -15.67 36.51 -4.49
C CYS A 188 -15.94 37.11 -5.88
N THR A 213 -7.18 23.80 -6.66
CA THR A 213 -8.06 24.40 -7.64
C THR A 213 -8.59 25.77 -7.17
N THR A 214 -9.72 26.19 -7.72
CA THR A 214 -10.33 27.47 -7.36
C THR A 214 -11.49 27.34 -6.39
N TYR A 215 -11.98 26.12 -6.15
CA TYR A 215 -13.12 25.94 -5.25
C TYR A 215 -12.74 26.23 -3.80
N LEU A 216 -11.61 25.68 -3.34
CA LEU A 216 -11.16 25.92 -1.98
C LEU A 216 -10.80 27.38 -1.73
N LYS A 217 -10.76 28.21 -2.78
CA LYS A 217 -10.65 29.66 -2.65
C LYS A 217 -12.02 30.33 -2.74
N CYS A 218 -12.74 30.10 -3.83
CA CYS A 218 -14.06 30.67 -4.05
C CYS A 218 -15.12 29.57 -3.96
N GLY A 219 -15.34 29.08 -2.75
CA GLY A 219 -16.28 28.00 -2.53
C GLY A 219 -17.30 28.26 -1.45
N SER A 220 -18.57 28.14 -1.81
CA SER A 220 -19.65 28.33 -0.85
C SER A 220 -20.57 27.12 -0.85
N GLY A 221 -21.57 27.12 -1.74
CA GLY A 221 -22.50 26.02 -1.84
C GLY A 221 -21.86 24.76 -2.40
N PRO A 222 -22.69 23.73 -2.65
CA PRO A 222 -22.15 22.48 -3.19
C PRO A 222 -21.63 22.59 -4.61
N TRP A 223 -21.70 23.78 -5.22
CA TRP A 223 -21.28 23.96 -6.60
C TRP A 223 -19.76 24.12 -6.66
N LEU A 224 -19.09 23.14 -7.25
CA LEU A 224 -17.65 23.26 -7.50
C LEU A 224 -17.38 24.30 -8.58
N THR A 225 -18.09 24.20 -9.69
CA THR A 225 -18.07 25.13 -10.81
C THR A 225 -19.51 25.48 -11.13
N PRO A 226 -19.75 26.57 -11.87
CA PRO A 226 -21.14 26.91 -12.24
C PRO A 226 -21.94 25.76 -12.84
N ARG A 227 -21.29 24.79 -13.49
CA ARG A 227 -21.99 23.71 -14.17
C ARG A 227 -21.96 22.39 -13.39
N CYS A 228 -21.41 22.39 -12.16
CA CYS A 228 -21.15 21.15 -11.42
C CYS A 228 -21.42 21.32 -9.94
N LEU A 229 -22.23 20.42 -9.39
CA LEU A 229 -22.49 20.35 -7.97
C LEU A 229 -22.05 19.00 -7.41
N ILE A 230 -21.99 18.92 -6.09
CA ILE A 230 -21.67 17.68 -5.39
C ILE A 230 -22.96 16.90 -5.16
N ASP A 231 -22.90 15.58 -5.37
CA ASP A 231 -24.08 14.74 -5.23
C ASP A 231 -24.15 14.13 -3.83
N TYR A 232 -25.31 14.28 -3.20
CA TYR A 232 -25.68 13.67 -1.93
C TYR A 232 -27.05 13.02 -2.11
N PRO A 233 -27.41 12.06 -1.22
CA PRO A 233 -28.64 11.28 -1.43
C PRO A 233 -29.90 12.10 -1.67
N TYR A 234 -29.88 13.38 -1.29
CA TYR A 234 -31.02 14.27 -1.49
C TYR A 234 -30.69 15.39 -2.49
N ARG A 235 -29.74 15.13 -3.39
CA ARG A 235 -29.43 16.12 -4.43
C ARG A 235 -30.61 16.29 -5.39
N LEU A 236 -31.26 15.19 -5.75
CA LEU A 236 -32.41 15.26 -6.65
C LEU A 236 -33.59 15.96 -5.98
N TRP A 237 -33.72 15.84 -4.66
CA TRP A 237 -34.84 16.46 -3.96
C TRP A 237 -34.62 17.97 -3.81
N HIS A 238 -33.48 18.38 -3.26
CA HIS A 238 -33.22 19.80 -3.10
C HIS A 238 -32.96 20.48 -4.44
N TYR A 239 -32.39 19.75 -5.41
CA TYR A 239 -32.09 20.27 -6.74
C TYR A 239 -32.76 19.36 -7.77
N PRO A 240 -34.00 19.65 -8.15
CA PRO A 240 -34.71 18.77 -9.09
C PRO A 240 -34.45 19.06 -10.56
N CYS A 241 -33.74 20.13 -10.90
CA CYS A 241 -33.44 20.43 -12.29
C CYS A 241 -32.07 19.93 -12.72
N THR A 242 -31.36 19.21 -11.86
CA THR A 242 -30.07 18.63 -12.19
C THR A 242 -30.14 17.12 -12.29
N VAL A 243 -31.31 16.60 -12.68
CA VAL A 243 -31.46 15.14 -12.77
C VAL A 243 -30.73 14.60 -13.99
N ASN A 244 -30.62 15.40 -15.05
CA ASN A 244 -30.01 14.95 -16.29
C ASN A 244 -28.49 15.17 -16.30
N TYR A 245 -27.92 15.62 -15.19
CA TYR A 245 -26.48 15.78 -15.13
C TYR A 245 -25.79 14.43 -15.08
N THR A 246 -24.62 14.34 -15.69
CA THR A 246 -23.82 13.12 -15.69
C THR A 246 -22.89 13.12 -14.48
N ILE A 247 -22.83 12.01 -13.78
CA ILE A 247 -22.09 11.90 -12.54
C ILE A 247 -20.78 11.15 -12.79
N PHE A 248 -19.75 11.52 -12.03
CA PHE A 248 -18.47 10.83 -12.11
C PHE A 248 -17.70 11.07 -10.82
N LYS A 249 -16.69 10.23 -10.60
CA LYS A 249 -15.91 10.26 -9.38
C LYS A 249 -14.68 11.16 -9.52
N ILE A 250 -14.36 11.87 -8.44
CA ILE A 250 -13.24 12.79 -8.43
C ILE A 250 -12.66 12.82 -7.02
N ARG A 251 -11.41 13.24 -6.91
CA ARG A 251 -10.73 13.40 -5.64
C ARG A 251 -10.23 14.83 -5.48
N MET A 252 -10.14 15.28 -4.23
CA MET A 252 -9.71 16.64 -3.95
C MET A 252 -8.98 16.68 -2.61
N TYR A 253 -7.83 17.35 -2.58
CA TYR A 253 -7.06 17.54 -1.36
C TYR A 253 -7.47 18.85 -0.71
N VAL A 254 -7.82 18.80 0.58
CA VAL A 254 -8.27 19.97 1.33
C VAL A 254 -7.69 19.89 2.73
N GLY A 255 -6.87 20.88 3.10
CA GLY A 255 -6.33 20.94 4.44
C GLY A 255 -5.44 19.78 4.84
N GLY A 256 -4.92 19.03 3.88
CA GLY A 256 -4.05 17.91 4.17
C GLY A 256 -4.71 16.55 4.09
N VAL A 257 -6.03 16.49 3.99
CA VAL A 257 -6.77 15.23 3.90
C VAL A 257 -7.40 15.13 2.52
N GLU A 258 -7.46 13.92 1.97
CA GLU A 258 -8.02 13.69 0.64
C GLU A 258 -9.51 13.38 0.76
N HIS A 259 -10.30 14.06 -0.06
CA HIS A 259 -11.74 13.84 -0.12
C HIS A 259 -12.10 13.16 -1.43
N ARG A 260 -13.00 12.19 -1.36
CA ARG A 260 -13.47 11.47 -2.54
C ARG A 260 -14.93 11.83 -2.77
N LEU A 261 -15.22 12.38 -3.94
CA LEU A 261 -16.53 12.95 -4.22
C LEU A 261 -17.14 12.33 -5.47
N THR A 262 -18.46 12.42 -5.54
CA THR A 262 -19.21 12.13 -6.74
C THR A 262 -19.82 13.44 -7.21
N ALA A 263 -19.49 13.84 -8.44
CA ALA A 263 -19.86 15.15 -8.95
C ALA A 263 -20.78 15.00 -10.16
N ALA A 264 -21.83 15.81 -10.21
CA ALA A 264 -22.78 15.82 -11.30
C ALA A 264 -22.64 17.13 -12.08
N CYS A 265 -22.71 17.04 -13.42
CA CYS A 265 -22.37 18.15 -14.29
C CYS A 265 -23.25 18.17 -15.53
N ASN A 266 -23.54 19.38 -16.02
CA ASN A 266 -24.26 19.57 -17.27
C ASN A 266 -23.25 19.55 -18.42
N PHE A 267 -23.34 18.53 -19.26
CA PHE A 267 -22.45 18.39 -20.42
C PHE A 267 -23.26 18.40 -21.72
N GLU B 1 -3.63 10.11 -0.67
CA GLU B 1 -3.43 8.67 -0.53
C GLU B 1 -4.27 8.10 0.61
N VAL B 2 -5.52 7.72 0.30
CA VAL B 2 -6.40 7.09 1.30
C VAL B 2 -5.88 5.71 1.66
N GLN B 3 -6.36 5.18 2.79
CA GLN B 3 -5.82 3.95 3.34
C GLN B 3 -6.79 2.79 3.14
N LEU B 4 -6.22 1.61 2.85
CA LEU B 4 -7.00 0.41 2.57
C LEU B 4 -6.31 -0.77 3.25
N GLN B 5 -7.06 -1.51 4.05
CA GLN B 5 -6.53 -2.63 4.81
C GLN B 5 -6.97 -3.95 4.16
N GLN B 6 -6.01 -4.82 3.88
CA GLN B 6 -6.25 -6.10 3.22
C GLN B 6 -6.18 -7.25 4.23
N SER B 7 -6.72 -8.39 3.81
CA SER B 7 -6.73 -9.59 4.64
C SER B 7 -5.31 -10.13 4.80
N GLY B 8 -5.19 -11.22 5.56
CA GLY B 8 -3.88 -11.78 5.87
C GLY B 8 -3.42 -12.83 4.87
N ALA B 9 -2.18 -13.26 5.06
CA ALA B 9 -1.57 -14.24 4.15
C ALA B 9 -2.36 -15.55 4.20
N GLU B 10 -2.75 -16.05 3.03
CA GLU B 10 -3.59 -17.24 2.93
C GLU B 10 -2.81 -18.38 2.29
N LEU B 11 -2.92 -19.57 2.88
CA LEU B 11 -2.39 -20.80 2.30
C LEU B 11 -3.57 -21.62 1.82
N VAL B 12 -3.60 -21.89 0.51
CA VAL B 12 -4.73 -22.56 -0.13
C VAL B 12 -4.22 -23.81 -0.80
N LYS B 13 -4.91 -24.94 -0.59
CA LYS B 13 -4.55 -26.18 -1.24
C LYS B 13 -4.88 -26.12 -2.74
N PRO B 14 -4.14 -26.82 -3.58
CA PRO B 14 -4.45 -26.85 -5.01
C PRO B 14 -5.87 -27.33 -5.25
N GLY B 15 -6.67 -26.47 -5.89
CA GLY B 15 -8.06 -26.75 -6.21
C GLY B 15 -9.05 -25.98 -5.36
N ALA B 16 -8.68 -25.64 -4.13
CA ALA B 16 -9.57 -24.94 -3.22
C ALA B 16 -9.78 -23.50 -3.68
N SER B 17 -10.69 -22.81 -2.98
CA SER B 17 -11.01 -21.42 -3.26
C SER B 17 -10.64 -20.56 -2.07
N VAL B 18 -10.61 -19.24 -2.29
CA VAL B 18 -10.25 -18.30 -1.25
C VAL B 18 -10.82 -16.93 -1.62
N LYS B 19 -11.27 -16.20 -0.59
CA LYS B 19 -11.80 -14.86 -0.74
C LYS B 19 -10.91 -13.90 0.05
N LEU B 20 -10.58 -12.76 -0.56
CA LEU B 20 -9.72 -11.76 0.05
C LEU B 20 -10.52 -10.52 0.38
N SER B 21 -10.11 -9.82 1.44
CA SER B 21 -10.80 -8.64 1.93
C SER B 21 -9.96 -7.39 1.68
N CYS B 22 -10.65 -6.25 1.53
CA CYS B 22 -10.00 -4.95 1.38
C CYS B 22 -10.94 -3.91 1.95
N THR B 23 -10.67 -3.47 3.19
CA THR B 23 -11.52 -2.51 3.89
C THR B 23 -10.93 -1.11 3.82
N ALA B 24 -11.80 -0.12 3.59
CA ALA B 24 -11.41 1.26 3.36
C ALA B 24 -11.85 2.15 4.52
N SER B 25 -10.95 3.04 4.95
CA SER B 25 -11.18 3.95 6.07
C SER B 25 -10.90 5.38 5.65
N GLY B 26 -11.74 6.30 6.11
CA GLY B 26 -11.57 7.71 5.86
C GLY B 26 -12.35 8.26 4.70
N PHE B 27 -13.10 7.43 3.98
CA PHE B 27 -13.87 7.89 2.82
C PHE B 27 -14.91 6.84 2.48
N ASN B 28 -15.91 7.27 1.72
CA ASN B 28 -16.97 6.37 1.25
C ASN B 28 -16.52 5.71 -0.04
N ILE B 29 -16.58 4.37 -0.07
CA ILE B 29 -16.11 3.61 -1.22
C ILE B 29 -16.89 3.94 -2.50
N LYS B 30 -18.12 4.41 -2.38
CA LYS B 30 -18.94 4.63 -3.55
C LYS B 30 -18.49 5.84 -4.37
N ASP B 31 -17.55 6.63 -3.87
CA ASP B 31 -16.97 7.73 -4.63
C ASP B 31 -15.64 7.35 -5.28
N THR B 32 -15.33 6.06 -5.35
CA THR B 32 -14.12 5.56 -5.99
C THR B 32 -14.43 4.30 -6.76
N TYR B 33 -13.50 3.91 -7.63
CA TYR B 33 -13.45 2.57 -8.20
C TYR B 33 -12.47 1.73 -7.39
N ILE B 34 -12.74 0.43 -7.29
CA ILE B 34 -11.91 -0.49 -6.51
C ILE B 34 -11.31 -1.51 -7.47
N HIS B 35 -10.02 -1.37 -7.75
CA HIS B 35 -9.30 -2.25 -8.65
C HIS B 35 -8.58 -3.35 -7.87
N TRP B 36 -8.25 -4.44 -8.57
CA TRP B 36 -7.46 -5.52 -8.01
C TRP B 36 -6.31 -5.82 -8.95
N VAL B 37 -5.07 -5.70 -8.44
CA VAL B 37 -3.86 -5.91 -9.22
C VAL B 37 -3.12 -7.12 -8.65
N ASN B 38 -2.36 -7.77 -9.51
CA ASN B 38 -1.68 -9.03 -9.20
C ASN B 38 -0.19 -8.90 -9.47
N GLN B 39 0.61 -9.64 -8.72
CA GLN B 39 2.06 -9.63 -8.90
C GLN B 39 2.59 -10.98 -8.44
N ARG B 40 3.10 -11.76 -9.36
CA ARG B 40 3.64 -13.08 -9.06
C ARG B 40 5.11 -12.98 -8.73
N PRO B 41 5.66 -13.97 -7.97
CA PRO B 41 7.07 -13.88 -7.53
C PRO B 41 8.06 -13.45 -8.60
N GLU B 42 8.65 -12.27 -8.40
CA GLU B 42 9.63 -11.68 -9.32
C GLU B 42 9.05 -11.52 -10.72
N GLN B 43 7.81 -11.04 -10.79
CA GLN B 43 7.11 -10.78 -12.05
C GLN B 43 6.62 -9.34 -12.05
N GLY B 44 5.97 -8.96 -13.14
CA GLY B 44 5.40 -7.62 -13.27
C GLY B 44 4.05 -7.51 -12.58
N LEU B 45 3.37 -6.42 -12.89
CA LEU B 45 2.02 -6.17 -12.41
C LEU B 45 0.98 -6.55 -13.47
N GLU B 46 -0.19 -6.96 -13.01
CA GLU B 46 -1.28 -7.40 -13.89
C GLU B 46 -2.61 -6.93 -13.34
N TRP B 47 -3.39 -6.25 -14.16
CA TRP B 47 -4.69 -5.74 -13.75
C TRP B 47 -5.75 -6.82 -13.94
N ILE B 48 -6.44 -7.18 -12.85
CA ILE B 48 -7.44 -8.25 -12.87
C ILE B 48 -8.82 -7.69 -13.19
N GLY B 49 -9.27 -6.68 -12.46
CA GLY B 49 -10.57 -6.11 -12.72
C GLY B 49 -10.82 -4.91 -11.84
N ARG B 50 -12.02 -4.37 -11.95
CA ARG B 50 -12.43 -3.27 -11.09
C ARG B 50 -13.94 -3.33 -10.87
N ILE B 51 -14.40 -2.65 -9.83
CA ILE B 51 -15.82 -2.64 -9.48
C ILE B 51 -16.25 -1.23 -9.09
N ASP B 52 -17.38 -0.79 -9.63
CA ASP B 52 -18.01 0.45 -9.19
C ASP B 52 -18.98 0.13 -8.06
N PRO B 53 -18.60 0.39 -6.81
CA PRO B 53 -19.49 0.03 -5.69
C PRO B 53 -20.75 0.86 -5.61
N ALA B 54 -20.90 1.89 -6.44
CA ALA B 54 -22.15 2.65 -6.46
C ALA B 54 -23.25 1.93 -7.23
N ASN B 55 -22.90 1.04 -8.16
CA ASN B 55 -23.88 0.31 -8.94
C ASN B 55 -23.53 -1.16 -9.12
N GLY B 56 -22.40 -1.62 -8.59
CA GLY B 56 -21.98 -3.00 -8.71
C GLY B 56 -21.33 -3.37 -10.03
N HIS B 57 -21.30 -2.47 -11.01
CA HIS B 57 -20.74 -2.77 -12.31
C HIS B 57 -19.28 -3.20 -12.19
N THR B 58 -18.95 -4.32 -12.83
CA THR B 58 -17.61 -4.87 -12.77
C THR B 58 -17.07 -5.08 -14.18
N GLN B 59 -15.81 -4.70 -14.37
CA GLN B 59 -15.05 -5.00 -15.56
C GLN B 59 -13.91 -5.93 -15.16
N TYR B 60 -13.58 -6.86 -16.05
CA TYR B 60 -12.48 -7.79 -15.78
C TYR B 60 -11.59 -7.89 -17.01
N ASP B 61 -10.34 -8.29 -16.75
CA ASP B 61 -9.48 -8.76 -17.82
C ASP B 61 -10.00 -10.12 -18.30
N PRO B 62 -10.08 -10.33 -19.62
CA PRO B 62 -10.62 -11.61 -20.11
C PRO B 62 -9.87 -12.83 -19.59
N LYS B 63 -8.56 -12.72 -19.35
CA LYS B 63 -7.76 -13.88 -18.96
C LYS B 63 -8.05 -14.33 -17.53
N PHE B 64 -8.86 -13.61 -16.77
CA PHE B 64 -9.12 -13.96 -15.39
C PHE B 64 -10.56 -14.38 -15.14
N GLN B 65 -11.44 -14.22 -16.12
CA GLN B 65 -12.84 -14.57 -15.89
C GLN B 65 -12.95 -16.07 -15.60
N GLY B 66 -13.93 -16.42 -14.76
CA GLY B 66 -14.04 -17.77 -14.27
C GLY B 66 -13.14 -18.09 -13.11
N LYS B 67 -12.04 -17.34 -12.95
CA LYS B 67 -11.12 -17.52 -11.83
C LYS B 67 -11.28 -16.48 -10.75
N ALA B 68 -11.77 -15.29 -11.08
CA ALA B 68 -11.88 -14.20 -10.13
C ALA B 68 -13.23 -13.52 -10.26
N THR B 69 -13.85 -13.23 -9.11
CA THR B 69 -15.12 -12.53 -9.04
C THR B 69 -15.00 -11.43 -8.01
N ILE B 70 -15.18 -10.18 -8.44
CA ILE B 70 -15.02 -9.01 -7.58
C ILE B 70 -16.38 -8.60 -7.07
N THR B 71 -16.47 -8.30 -5.78
CA THR B 71 -17.69 -7.86 -5.12
C THR B 71 -17.38 -6.69 -4.20
N ALA B 72 -18.40 -5.88 -3.94
CA ALA B 72 -18.28 -4.77 -3.01
C ALA B 72 -19.56 -4.63 -2.22
N ASP B 73 -19.42 -4.27 -0.95
CA ASP B 73 -20.55 -4.10 -0.03
C ASP B 73 -20.39 -2.74 0.65
N THR B 74 -21.17 -1.76 0.22
CA THR B 74 -21.11 -0.43 0.80
C THR B 74 -21.55 -0.41 2.26
N SER B 75 -22.16 -1.49 2.74
CA SER B 75 -22.49 -1.58 4.17
C SER B 75 -21.24 -1.55 5.03
N SER B 76 -20.25 -2.38 4.69
CA SER B 76 -19.03 -2.50 5.48
C SER B 76 -17.87 -1.68 4.92
N ASN B 77 -18.12 -0.86 3.89
CA ASN B 77 -17.06 -0.09 3.22
C ASN B 77 -15.94 -1.01 2.77
N THR B 78 -16.31 -2.18 2.25
CA THR B 78 -15.37 -3.26 1.98
C THR B 78 -15.63 -3.87 0.61
N ALA B 79 -14.54 -4.19 -0.10
CA ALA B 79 -14.57 -4.92 -1.35
C ALA B 79 -13.84 -6.24 -1.19
N TYR B 80 -14.19 -7.21 -2.04
CA TYR B 80 -13.68 -8.57 -1.93
C TYR B 80 -13.19 -9.06 -3.28
N LEU B 81 -12.33 -10.09 -3.25
CA LEU B 81 -11.85 -10.75 -4.46
C LEU B 81 -11.89 -12.25 -4.22
N GLN B 82 -12.80 -12.94 -4.88
CA GLN B 82 -12.99 -14.38 -4.69
C GLN B 82 -12.23 -15.11 -5.78
N LEU B 83 -11.23 -15.89 -5.38
CA LEU B 83 -10.45 -16.72 -6.31
C LEU B 83 -10.97 -18.15 -6.25
N SER B 84 -11.34 -18.69 -7.41
CA SER B 84 -11.91 -20.03 -7.50
C SER B 84 -10.98 -20.96 -8.25
N SER B 85 -10.88 -22.19 -7.76
CA SER B 85 -10.09 -23.26 -8.36
C SER B 85 -8.65 -22.79 -8.63
N LEU B 86 -7.92 -22.58 -7.54
CA LEU B 86 -6.57 -22.06 -7.63
C LEU B 86 -5.57 -23.14 -8.02
N THR B 87 -4.56 -22.72 -8.78
CA THR B 87 -3.43 -23.55 -9.18
C THR B 87 -2.13 -22.90 -8.72
N SER B 88 -1.00 -23.47 -9.13
CA SER B 88 0.29 -22.98 -8.69
C SER B 88 0.62 -21.62 -9.30
N GLU B 89 0.13 -21.33 -10.50
CA GLU B 89 0.37 -20.02 -11.08
C GLU B 89 -0.56 -18.94 -10.52
N ASP B 90 -1.39 -19.28 -9.55
CA ASP B 90 -2.15 -18.27 -8.83
C ASP B 90 -1.45 -17.83 -7.55
N THR B 91 -0.33 -18.46 -7.20
CA THR B 91 0.47 -18.01 -6.07
C THR B 91 1.02 -16.62 -6.40
N ALA B 92 0.61 -15.61 -5.64
CA ALA B 92 1.04 -14.24 -5.92
C ALA B 92 0.64 -13.34 -4.77
N VAL B 93 0.90 -12.04 -4.93
CA VAL B 93 0.40 -11.00 -4.03
C VAL B 93 -0.71 -10.24 -4.75
N TYR B 94 -1.81 -9.98 -4.04
CA TYR B 94 -3.00 -9.36 -4.61
C TYR B 94 -3.24 -8.00 -3.93
N TYR B 95 -3.17 -6.92 -4.71
CA TYR B 95 -3.40 -5.58 -4.19
C TYR B 95 -4.80 -5.09 -4.53
N CYS B 96 -5.29 -4.15 -3.72
CA CYS B 96 -6.51 -3.42 -4.02
C CYS B 96 -6.16 -1.94 -4.07
N ALA B 97 -6.65 -1.26 -5.10
CA ALA B 97 -6.29 0.14 -5.32
C ALA B 97 -7.56 0.92 -5.65
N THR B 98 -7.65 2.14 -5.12
CA THR B 98 -8.74 3.06 -5.46
C THR B 98 -8.42 3.85 -6.72
N SER B 99 -9.42 4.57 -7.22
CA SER B 99 -9.28 5.35 -8.42
C SER B 99 -10.42 6.35 -8.50
N ASP B 100 -10.27 7.34 -9.37
CA ASP B 100 -11.33 8.25 -9.73
C ASP B 100 -11.75 7.95 -11.18
N TYR B 101 -12.32 8.94 -11.87
CA TYR B 101 -12.72 8.73 -13.25
C TYR B 101 -11.53 8.36 -14.14
N SER B 102 -10.35 8.88 -13.83
CA SER B 102 -9.18 8.67 -14.67
C SER B 102 -8.70 7.22 -14.69
N TYR B 103 -9.13 6.39 -13.72
CA TYR B 103 -8.72 4.99 -13.64
C TYR B 103 -7.22 4.85 -13.36
N ALA B 104 -6.59 5.92 -12.86
CA ALA B 104 -5.23 5.86 -12.34
C ALA B 104 -5.26 5.42 -10.88
N LEU B 105 -4.57 4.33 -10.56
CA LEU B 105 -4.58 3.77 -9.21
C LEU B 105 -3.82 4.66 -8.23
N ASP B 106 -4.52 5.57 -7.57
CA ASP B 106 -3.83 6.58 -6.78
C ASP B 106 -3.45 6.10 -5.38
N SER B 107 -4.15 5.10 -4.84
CA SER B 107 -3.87 4.64 -3.49
C SER B 107 -4.07 3.14 -3.43
N TRP B 108 -3.07 2.42 -2.90
CA TRP B 108 -3.05 0.97 -2.87
C TRP B 108 -3.18 0.46 -1.43
N GLY B 109 -3.41 -0.85 -1.32
CA GLY B 109 -3.41 -1.54 -0.05
C GLY B 109 -2.08 -2.22 0.18
N GLN B 110 -1.89 -2.73 1.40
CA GLN B 110 -0.61 -3.34 1.74
C GLN B 110 -0.38 -4.66 1.01
N GLY B 111 -1.43 -5.24 0.43
CA GLY B 111 -1.29 -6.49 -0.28
C GLY B 111 -1.69 -7.69 0.58
N THR B 112 -1.98 -8.79 -0.11
CA THR B 112 -2.26 -10.07 0.53
C THR B 112 -1.58 -11.13 -0.30
N SER B 113 -0.58 -11.80 0.27
CA SER B 113 0.15 -12.83 -0.46
C SER B 113 -0.55 -14.17 -0.29
N VAL B 114 -0.82 -14.84 -1.40
CA VAL B 114 -1.51 -16.12 -1.39
C VAL B 114 -0.50 -17.18 -1.83
N THR B 115 -0.45 -18.27 -1.06
CA THR B 115 0.43 -19.40 -1.38
C THR B 115 -0.43 -20.62 -1.68
N VAL B 116 -0.30 -21.15 -2.89
CA VAL B 116 -1.07 -22.31 -3.32
C VAL B 116 -0.14 -23.51 -3.33
N SER B 117 -0.29 -24.38 -2.32
CA SER B 117 0.56 -25.56 -2.17
C SER B 117 -0.16 -26.60 -1.31
N SER B 118 0.16 -27.86 -1.57
CA SER B 118 -0.36 -28.95 -0.76
C SER B 118 0.49 -29.22 0.47
N ALA B 119 1.61 -28.52 0.63
CA ALA B 119 2.53 -28.80 1.72
C ALA B 119 1.88 -28.49 3.07
N LYS B 120 2.47 -29.06 4.12
CA LYS B 120 1.90 -29.01 5.45
C LYS B 120 2.45 -27.83 6.24
N THR B 121 1.55 -27.14 6.93
CA THR B 121 1.96 -26.11 7.89
C THR B 121 2.92 -26.71 8.92
N THR B 122 4.15 -26.18 8.98
CA THR B 122 5.17 -26.66 9.90
C THR B 122 5.76 -25.50 10.69
N ALA B 123 5.98 -25.72 12.01
CA ALA B 123 6.55 -24.69 12.87
C ALA B 123 8.07 -24.68 12.79
N PRO B 124 8.68 -23.51 12.90
CA PRO B 124 10.14 -23.42 12.79
C PRO B 124 10.83 -23.75 14.09
N SER B 125 12.11 -24.10 13.97
CA SER B 125 13.03 -24.17 15.08
C SER B 125 13.93 -22.95 15.04
N VAL B 126 14.06 -22.27 16.19
CA VAL B 126 14.80 -21.01 16.28
C VAL B 126 16.08 -21.24 17.05
N TYR B 127 17.22 -20.95 16.42
CA TYR B 127 18.52 -21.18 17.01
C TYR B 127 19.26 -19.86 17.20
N PRO B 128 19.98 -19.68 18.31
CA PRO B 128 20.77 -18.46 18.48
C PRO B 128 22.20 -18.64 18.01
N LEU B 129 22.76 -17.56 17.51
CA LEU B 129 24.07 -17.56 16.88
C LEU B 129 25.00 -16.65 17.66
N ALA B 130 25.77 -17.23 18.50
CA ALA B 130 26.76 -16.56 19.32
C ALA B 130 28.11 -16.58 18.61
N PRO B 131 28.95 -15.57 18.86
CA PRO B 131 30.27 -15.54 18.22
C PRO B 131 31.12 -16.76 18.57
N VAL B 132 32.16 -16.98 17.76
CA VAL B 132 33.06 -18.12 17.96
C VAL B 132 33.72 -18.03 19.32
N CYS B 133 33.86 -19.20 19.98
CA CYS B 133 34.35 -19.22 21.37
C CYS B 133 35.77 -18.69 21.47
N GLY B 134 36.66 -19.14 20.58
CA GLY B 134 38.00 -18.59 20.54
C GLY B 134 38.05 -17.42 19.57
N ASP B 135 37.83 -16.20 20.07
CA ASP B 135 37.76 -15.04 19.20
C ASP B 135 38.36 -13.83 19.91
N THR B 136 39.08 -13.01 19.15
CA THR B 136 39.64 -11.78 19.70
C THR B 136 38.53 -10.75 19.91
N THR B 137 38.69 -9.94 20.96
CA THR B 137 37.72 -8.92 21.30
C THR B 137 37.96 -7.67 20.46
N GLY B 138 36.93 -7.23 19.73
CA GLY B 138 37.01 -6.08 18.86
C GLY B 138 36.16 -4.92 19.32
N SER B 139 35.96 -3.95 18.41
CA SER B 139 35.16 -2.77 18.72
C SER B 139 33.67 -3.10 18.77
N SER B 140 33.19 -3.93 17.84
CA SER B 140 31.78 -4.30 17.80
C SER B 140 31.66 -5.81 17.63
N VAL B 141 30.50 -6.33 18.00
CA VAL B 141 30.19 -7.75 17.89
C VAL B 141 28.93 -7.92 17.06
N THR B 142 28.84 -9.05 16.38
CA THR B 142 27.72 -9.38 15.52
C THR B 142 27.09 -10.68 15.99
N LEU B 143 25.79 -10.65 16.30
CA LEU B 143 25.02 -11.84 16.65
C LEU B 143 24.03 -12.17 15.55
N GLY B 144 23.55 -13.42 15.58
CA GLY B 144 22.64 -13.93 14.58
C GLY B 144 21.53 -14.76 15.20
N CYS B 145 20.62 -15.21 14.33
CA CYS B 145 19.43 -15.97 14.74
C CYS B 145 18.92 -16.75 13.55
N LEU B 146 18.81 -18.08 13.66
CA LEU B 146 18.45 -18.94 12.53
C LEU B 146 17.03 -19.50 12.73
N VAL B 147 16.17 -19.26 11.74
CA VAL B 147 14.78 -19.74 11.74
C VAL B 147 14.65 -20.74 10.60
N LYS B 148 14.67 -22.03 10.95
CA LYS B 148 14.83 -23.10 9.97
C LYS B 148 13.65 -24.06 10.00
N GLY B 149 13.21 -24.47 8.82
CA GLY B 149 12.25 -25.56 8.65
C GLY B 149 10.80 -25.22 8.97
N TYR B 150 10.30 -24.11 8.45
CA TYR B 150 8.91 -23.72 8.64
C TYR B 150 8.20 -23.61 7.29
N PHE B 151 6.87 -23.66 7.34
CA PHE B 151 6.02 -23.48 6.18
C PHE B 151 4.61 -23.19 6.65
N PRO B 152 3.90 -22.22 6.03
CA PRO B 152 4.41 -21.39 4.95
C PRO B 152 4.93 -20.05 5.45
N GLU B 153 5.24 -19.16 4.51
CA GLU B 153 5.54 -17.78 4.87
C GLU B 153 4.26 -17.08 5.33
N PRO B 154 4.37 -16.02 6.14
CA PRO B 154 5.60 -15.41 6.64
C PRO B 154 5.96 -15.76 8.08
N VAL B 155 7.18 -15.43 8.46
CA VAL B 155 7.57 -15.31 9.86
C VAL B 155 7.84 -13.83 10.12
N THR B 156 7.89 -13.47 11.40
CA THR B 156 8.25 -12.13 11.82
C THR B 156 9.39 -12.23 12.81
N LEU B 157 10.44 -11.43 12.58
CA LEU B 157 11.65 -11.48 13.39
C LEU B 157 11.99 -10.07 13.86
N THR B 158 12.16 -9.91 15.17
CA THR B 158 12.60 -8.65 15.74
C THR B 158 13.67 -8.93 16.80
N TRP B 159 14.44 -7.89 17.12
CA TRP B 159 15.43 -7.93 18.18
C TRP B 159 14.96 -7.05 19.33
N ASN B 160 14.96 -7.60 20.54
CA ASN B 160 14.58 -6.86 21.75
C ASN B 160 13.25 -6.14 21.56
N SER B 161 12.27 -6.89 21.04
CA SER B 161 10.89 -6.41 20.91
C SER B 161 10.81 -5.13 20.07
N GLY B 162 11.63 -5.06 19.03
CA GLY B 162 11.60 -3.95 18.10
C GLY B 162 12.49 -2.78 18.44
N SER B 163 12.89 -2.62 19.72
CA SER B 163 13.68 -1.45 20.11
C SER B 163 15.12 -1.50 19.63
N LEU B 164 15.60 -2.66 19.18
CA LEU B 164 16.89 -2.78 18.52
C LEU B 164 16.64 -2.77 17.02
N SER B 165 16.87 -1.61 16.39
CA SER B 165 16.54 -1.38 14.98
C SER B 165 17.78 -1.35 14.08
N SER B 166 18.67 -0.38 14.25
CA SER B 166 19.79 -0.20 13.35
C SER B 166 20.84 -1.29 13.53
N GLY B 167 21.67 -1.48 12.51
CA GLY B 167 22.63 -2.57 12.55
C GLY B 167 22.06 -3.95 12.31
N VAL B 168 20.80 -4.06 11.86
CA VAL B 168 20.14 -5.33 11.61
C VAL B 168 20.07 -5.58 10.10
N HIS B 169 20.36 -6.83 9.70
CA HIS B 169 20.14 -7.30 8.34
C HIS B 169 19.36 -8.61 8.42
N THR B 170 18.07 -8.56 8.16
CA THR B 170 17.23 -9.75 8.11
C THR B 170 17.18 -10.28 6.69
N PHE B 171 17.61 -11.52 6.50
CA PHE B 171 17.76 -11.96 5.11
C PHE B 171 16.50 -12.64 4.60
N PRO B 172 16.16 -12.41 3.34
CA PRO B 172 14.94 -12.99 2.77
C PRO B 172 14.94 -14.51 2.86
N ALA B 173 13.77 -15.05 3.17
CA ALA B 173 13.64 -16.49 3.32
C ALA B 173 13.85 -17.19 1.99
N VAL B 174 14.53 -18.33 2.02
CA VAL B 174 14.66 -19.19 0.84
C VAL B 174 13.93 -20.49 1.12
N LEU B 175 13.61 -21.22 0.04
CA LEU B 175 12.82 -22.44 0.12
C LEU B 175 13.61 -23.60 -0.49
N GLN B 176 13.62 -24.75 0.21
CA GLN B 176 14.25 -25.94 -0.30
C GLN B 176 13.15 -26.93 -0.65
N SER B 177 12.77 -27.82 0.25
CA SER B 177 11.79 -28.86 -0.05
C SER B 177 10.56 -28.60 0.81
N ASP B 178 9.74 -27.64 0.36
CA ASP B 178 8.52 -27.23 1.04
C ASP B 178 8.79 -26.66 2.43
N LEU B 179 10.02 -26.24 2.70
CA LEU B 179 10.40 -25.69 4.00
C LEU B 179 11.26 -24.45 3.81
N TYR B 180 10.80 -23.33 4.39
CA TYR B 180 11.55 -22.08 4.34
C TYR B 180 12.65 -22.04 5.41
N THR B 181 13.63 -21.18 5.16
CA THR B 181 14.75 -20.99 6.08
C THR B 181 15.18 -19.53 6.03
N LEU B 182 15.28 -18.93 7.21
CA LEU B 182 15.47 -17.48 7.32
C LEU B 182 16.48 -17.20 8.41
N SER B 183 17.30 -16.16 8.20
CA SER B 183 18.32 -15.78 9.16
C SER B 183 18.30 -14.27 9.33
N SER B 184 18.82 -13.82 10.46
CA SER B 184 18.94 -12.41 10.77
C SER B 184 20.26 -12.17 11.47
N SER B 185 20.74 -10.94 11.40
CA SER B 185 22.00 -10.59 12.03
C SER B 185 21.90 -9.18 12.58
N VAL B 186 22.48 -8.98 13.77
CA VAL B 186 22.48 -7.68 14.43
C VAL B 186 23.89 -7.40 14.92
N THR B 187 24.31 -6.15 14.78
CA THR B 187 25.67 -5.74 15.11
C THR B 187 25.61 -4.60 16.11
N VAL B 188 26.25 -4.79 17.26
CA VAL B 188 26.30 -3.79 18.32
C VAL B 188 27.74 -3.64 18.79
N THR B 189 28.00 -2.53 19.47
CA THR B 189 29.31 -2.28 20.07
C THR B 189 29.58 -3.27 21.19
N SER B 190 30.84 -3.71 21.30
CA SER B 190 31.17 -4.76 22.25
C SER B 190 30.86 -4.37 23.68
N SER B 191 30.85 -3.08 23.99
CA SER B 191 30.45 -2.65 25.32
C SER B 191 28.95 -2.78 25.55
N THR B 192 28.19 -3.29 24.57
CA THR B 192 26.75 -3.52 24.69
C THR B 192 26.43 -4.97 24.98
N TRP B 193 27.17 -5.90 24.39
CA TRP B 193 26.91 -7.32 24.54
C TRP B 193 28.20 -8.04 24.95
N PRO B 194 28.12 -9.01 25.88
CA PRO B 194 26.91 -9.48 26.55
C PRO B 194 26.55 -8.69 27.80
N SER B 195 27.00 -7.44 27.89
CA SER B 195 26.64 -6.60 29.02
C SER B 195 25.13 -6.46 29.15
N GLN B 196 24.45 -6.22 28.03
CA GLN B 196 23.02 -6.07 27.95
C GLN B 196 22.40 -7.26 27.22
N SER B 197 21.14 -7.52 27.53
CA SER B 197 20.43 -8.67 26.97
C SER B 197 19.99 -8.38 25.54
N ILE B 198 20.28 -9.32 24.63
CA ILE B 198 19.86 -9.22 23.24
C ILE B 198 19.05 -10.46 22.91
N THR B 199 17.77 -10.29 22.66
CA THR B 199 16.86 -11.42 22.47
C THR B 199 16.31 -11.45 21.06
N CYS B 200 16.21 -12.65 20.49
CA CYS B 200 15.67 -12.85 19.15
C CYS B 200 14.21 -13.26 19.29
N ASN B 201 13.30 -12.46 18.71
CA ASN B 201 11.87 -12.73 18.77
C ASN B 201 11.40 -13.19 17.39
N VAL B 202 10.77 -14.37 17.34
CA VAL B 202 10.32 -14.97 16.09
C VAL B 202 8.87 -15.40 16.24
N ALA B 203 8.03 -15.00 15.29
CA ALA B 203 6.62 -15.40 15.28
C ALA B 203 6.29 -16.03 13.94
N HIS B 204 5.51 -17.10 13.98
CA HIS B 204 5.02 -17.80 12.78
C HIS B 204 3.54 -18.05 13.01
N PRO B 205 2.69 -17.06 12.68
CA PRO B 205 1.26 -17.20 13.00
C PRO B 205 0.63 -18.48 12.46
N ALA B 206 1.13 -19.02 11.36
CA ALA B 206 0.53 -20.22 10.78
C ALA B 206 0.55 -21.40 11.74
N SER B 207 1.48 -21.40 12.71
CA SER B 207 1.61 -22.49 13.67
C SER B 207 1.46 -21.99 15.11
N SER B 208 0.95 -20.78 15.29
CA SER B 208 0.78 -20.17 16.61
C SER B 208 2.11 -20.06 17.36
N THR B 209 3.21 -20.02 16.59
CA THR B 209 4.55 -20.08 17.15
C THR B 209 4.99 -18.69 17.60
N LYS B 210 5.27 -18.55 18.89
CA LYS B 210 5.82 -17.33 19.47
C LYS B 210 6.97 -17.76 20.37
N VAL B 211 8.20 -17.40 19.98
CA VAL B 211 9.41 -17.90 20.61
C VAL B 211 10.38 -16.74 20.80
N ASP B 212 10.97 -16.63 22.00
CA ASP B 212 12.04 -15.68 22.26
C ASP B 212 13.32 -16.44 22.58
N LYS B 213 14.44 -15.98 22.02
CA LYS B 213 15.73 -16.65 22.20
C LYS B 213 16.80 -15.62 22.52
N LYS B 214 17.26 -15.62 23.76
CA LYS B 214 18.35 -14.75 24.16
C LYS B 214 19.68 -15.32 23.68
N ILE B 215 20.54 -14.44 23.18
CA ILE B 215 21.86 -14.85 22.71
C ILE B 215 22.81 -14.88 23.89
N GLU B 216 23.41 -16.05 24.13
CA GLU B 216 24.34 -16.28 25.23
C GLU B 216 25.66 -16.81 24.69
N PRO B 217 26.79 -16.37 25.26
CA PRO B 217 28.09 -16.85 24.79
C PRO B 217 28.27 -18.35 25.05
N ARG B 218 29.17 -18.96 24.29
CA ARG B 218 29.35 -20.40 24.32
C ARG B 218 30.36 -20.82 25.40
N GLY B 219 30.77 -22.09 25.37
CA GLY B 219 31.81 -22.58 26.26
C GLY B 219 31.86 -24.10 26.39
N ASP C 21 -4.84 -5.75 -26.68
CA ASP C 21 -4.17 -5.23 -25.49
C ASP C 21 -3.01 -4.30 -25.83
N ILE C 22 -3.01 -3.10 -25.24
CA ILE C 22 -1.90 -2.18 -25.42
C ILE C 22 -0.66 -2.73 -24.72
N VAL C 23 0.45 -2.81 -25.45
CA VAL C 23 1.68 -3.36 -24.91
C VAL C 23 2.57 -2.22 -24.45
N MET C 24 3.07 -2.33 -23.22
CA MET C 24 4.00 -1.36 -22.66
C MET C 24 5.39 -1.97 -22.60
N THR C 25 6.35 -1.35 -23.29
CA THR C 25 7.75 -1.76 -23.26
C THR C 25 8.58 -0.71 -22.53
N GLN C 26 9.26 -1.13 -21.47
CA GLN C 26 10.08 -0.23 -20.65
C GLN C 26 11.56 -0.48 -20.89
N SER C 27 12.32 0.60 -21.06
CA SER C 27 13.75 0.52 -21.26
C SER C 27 14.45 1.60 -20.46
N PRO C 28 15.58 1.27 -19.81
CA PRO C 28 16.12 -0.10 -19.77
C PRO C 28 15.50 -0.91 -18.65
N SER C 29 15.91 -2.17 -18.51
CA SER C 29 15.40 -2.99 -17.41
C SER C 29 16.08 -2.67 -16.08
N SER C 30 17.34 -2.24 -16.12
CA SER C 30 18.11 -1.93 -14.92
C SER C 30 18.90 -0.65 -15.13
N LEU C 31 19.13 0.07 -14.04
CA LEU C 31 19.68 1.41 -14.09
C LEU C 31 20.41 1.72 -12.80
N ALA C 32 21.64 2.20 -12.91
CA ALA C 32 22.48 2.56 -11.77
C ALA C 32 22.89 4.01 -11.88
N MET C 33 22.78 4.75 -10.77
CA MET C 33 23.13 6.17 -10.78
C MET C 33 23.67 6.57 -9.42
N SER C 34 24.73 7.38 -9.43
CA SER C 34 25.25 7.99 -8.22
C SER C 34 24.27 9.02 -7.67
N VAL C 35 24.43 9.35 -6.39
CA VAL C 35 23.50 10.26 -5.74
C VAL C 35 23.69 11.67 -6.28
N GLY C 36 22.58 12.40 -6.42
CA GLY C 36 22.59 13.78 -6.88
C GLY C 36 22.60 13.97 -8.37
N GLN C 37 22.69 12.90 -9.16
CA GLN C 37 22.70 12.98 -10.60
C GLN C 37 21.31 12.74 -11.17
N LYS C 38 21.14 13.07 -12.45
CA LYS C 38 19.88 12.90 -13.14
C LYS C 38 19.86 11.59 -13.90
N VAL C 39 18.72 10.89 -13.84
CA VAL C 39 18.54 9.64 -14.56
C VAL C 39 17.23 9.70 -15.33
N THR C 40 17.17 8.96 -16.44
CA THR C 40 15.99 8.91 -17.29
C THR C 40 15.70 7.47 -17.69
N MET C 41 14.42 7.10 -17.63
CA MET C 41 13.94 5.80 -18.08
C MET C 41 12.72 6.00 -18.95
N SER C 42 12.53 5.11 -19.93
CA SER C 42 11.58 5.34 -21.00
C SER C 42 10.47 4.30 -20.98
N CYS C 43 9.30 4.72 -21.46
CA CYS C 43 8.13 3.88 -21.58
C CYS C 43 7.55 4.10 -22.96
N LYS C 44 7.27 3.00 -23.68
CA LYS C 44 6.67 3.13 -24.99
C LYS C 44 5.46 2.20 -25.09
N SER C 45 4.40 2.69 -25.74
CA SER C 45 3.14 1.98 -25.88
C SER C 45 2.98 1.46 -27.30
N SER C 46 2.07 0.50 -27.45
CA SER C 46 1.80 -0.09 -28.75
C SER C 46 0.80 0.71 -29.56
N GLN C 47 0.03 1.59 -28.93
CA GLN C 47 -0.85 2.51 -29.62
C GLN C 47 -0.85 3.84 -28.87
N SER C 48 -1.42 4.88 -29.49
CA SER C 48 -1.38 6.19 -28.87
C SER C 48 -2.19 6.20 -27.58
N LEU C 49 -1.68 6.93 -26.60
CA LEU C 49 -2.39 7.19 -25.35
C LEU C 49 -2.94 8.61 -25.30
N LEU C 50 -2.84 9.35 -26.41
CA LEU C 50 -3.30 10.74 -26.46
C LEU C 50 -4.79 10.77 -26.77
N ASN C 51 -5.55 11.41 -25.87
CA ASN C 51 -6.98 11.64 -26.09
C ASN C 51 -7.16 12.83 -27.02
N SER C 52 -8.05 12.68 -28.00
CA SER C 52 -8.34 13.81 -28.91
C SER C 52 -9.22 14.85 -28.23
N ASN C 53 -10.26 14.42 -27.51
CA ASN C 53 -11.07 15.35 -26.73
C ASN C 53 -10.23 16.08 -25.70
N ASN C 54 -9.49 15.32 -24.89
CA ASN C 54 -8.82 15.84 -23.69
C ASN C 54 -7.48 16.49 -24.00
N GLN C 55 -6.84 16.12 -25.10
CA GLN C 55 -5.43 16.46 -25.33
C GLN C 55 -4.60 16.07 -24.10
N LYS C 56 -4.89 14.88 -23.56
CA LYS C 56 -4.21 14.33 -22.40
C LYS C 56 -3.72 12.93 -22.72
N ASN C 57 -2.54 12.60 -22.20
CA ASN C 57 -1.97 11.27 -22.38
C ASN C 57 -2.27 10.45 -21.13
N TYR C 58 -2.98 9.35 -21.31
CA TYR C 58 -3.37 8.50 -20.19
C TYR C 58 -2.27 7.49 -19.90
N LEU C 59 -1.18 8.00 -19.31
CA LEU C 59 -0.09 7.18 -18.83
C LEU C 59 0.19 7.49 -17.37
N ALA C 60 0.56 6.46 -16.60
CA ALA C 60 0.85 6.60 -15.18
C ALA C 60 2.17 5.93 -14.84
N TRP C 61 2.88 6.53 -13.89
CA TRP C 61 4.14 6.02 -13.38
C TRP C 61 3.98 5.64 -11.91
N TYR C 62 4.46 4.45 -11.56
CA TYR C 62 4.37 3.93 -10.20
C TYR C 62 5.76 3.57 -9.71
N GLN C 63 6.03 3.86 -8.44
CA GLN C 63 7.27 3.46 -7.77
C GLN C 63 6.97 2.38 -6.76
N GLN C 64 7.68 1.25 -6.84
CA GLN C 64 7.53 0.15 -5.88
C GLN C 64 8.86 -0.11 -5.17
N LYS C 65 9.00 0.42 -3.95
CA LYS C 65 10.19 0.14 -3.16
C LYS C 65 10.13 -1.30 -2.65
N PRO C 66 11.28 -1.95 -2.50
CA PRO C 66 11.29 -3.39 -2.18
C PRO C 66 10.54 -3.70 -0.90
N GLY C 67 9.71 -4.74 -0.95
CA GLY C 67 8.88 -5.11 0.18
C GLY C 67 7.73 -4.19 0.46
N GLN C 68 7.31 -3.39 -0.53
CA GLN C 68 6.22 -2.44 -0.35
C GLN C 68 5.25 -2.52 -1.53
N SER C 69 4.17 -1.79 -1.40
CA SER C 69 3.15 -1.62 -2.40
C SER C 69 3.47 -0.43 -3.30
N PRO C 70 3.09 -0.49 -4.57
CA PRO C 70 3.40 0.61 -5.49
C PRO C 70 2.74 1.91 -5.05
N LYS C 71 3.42 3.01 -5.35
CA LYS C 71 2.95 4.35 -5.03
C LYS C 71 2.81 5.15 -6.31
N LEU C 72 1.80 6.02 -6.34
CA LEU C 72 1.54 6.83 -7.51
C LEU C 72 2.51 8.00 -7.54
N LEU C 73 3.33 8.06 -8.58
CA LEU C 73 4.23 9.19 -8.81
C LEU C 73 3.62 10.23 -9.74
N VAL C 74 3.32 9.84 -10.99
CA VAL C 74 2.74 10.73 -12.00
C VAL C 74 1.56 10.02 -12.65
N TYR C 75 0.49 10.77 -12.90
CA TYR C 75 -0.63 10.33 -13.72
C TYR C 75 -0.92 11.41 -14.76
N PHE C 76 -1.64 11.03 -15.83
CA PHE C 76 -1.83 11.89 -17.00
C PHE C 76 -0.50 12.29 -17.61
N ALA C 77 0.44 11.36 -17.62
CA ALA C 77 1.75 11.49 -18.26
C ALA C 77 2.67 12.51 -17.59
N SER C 78 2.13 13.64 -17.16
CA SER C 78 2.96 14.73 -16.67
C SER C 78 2.45 15.41 -15.41
N THR C 79 1.31 15.00 -14.88
CA THR C 79 0.78 15.59 -13.64
C THR C 79 1.33 14.81 -12.47
N ARG C 80 2.16 15.47 -11.66
CA ARG C 80 2.75 14.83 -10.50
C ARG C 80 1.73 14.70 -9.38
N GLU C 81 1.71 13.52 -8.76
CA GLU C 81 0.77 13.27 -7.68
C GLU C 81 1.15 14.09 -6.45
N SER C 82 0.14 14.59 -5.75
CA SER C 82 0.37 15.42 -4.57
C SER C 82 1.20 14.66 -3.54
N GLY C 83 2.17 15.35 -2.94
CA GLY C 83 3.08 14.75 -2.00
C GLY C 83 4.35 14.19 -2.60
N VAL C 84 4.41 14.03 -3.91
CA VAL C 84 5.61 13.49 -4.54
C VAL C 84 6.64 14.61 -4.67
N PRO C 85 7.89 14.37 -4.32
CA PRO C 85 8.94 15.38 -4.56
C PRO C 85 8.99 15.82 -6.01
N ASP C 86 9.26 17.11 -6.21
CA ASP C 86 9.31 17.70 -7.55
C ASP C 86 10.50 17.25 -8.38
N ARG C 87 11.41 16.42 -7.85
CA ARG C 87 12.48 15.87 -8.68
C ARG C 87 11.98 14.80 -9.65
N PHE C 88 10.83 14.18 -9.36
CA PHE C 88 10.18 13.25 -10.28
C PHE C 88 9.34 14.04 -11.30
N ILE C 89 9.64 13.89 -12.58
CA ILE C 89 8.95 14.60 -13.65
C ILE C 89 8.60 13.64 -14.77
N GLY C 90 7.33 13.58 -15.12
CA GLY C 90 6.87 12.77 -16.24
C GLY C 90 6.78 13.60 -17.51
N SER C 91 7.19 13.00 -18.62
CA SER C 91 7.21 13.68 -19.89
C SER C 91 6.90 12.68 -21.00
N GLY C 92 6.55 13.22 -22.16
CA GLY C 92 6.22 12.43 -23.34
C GLY C 92 4.84 12.76 -23.86
N SER C 93 4.49 12.08 -24.95
CA SER C 93 3.19 12.25 -25.60
C SER C 93 3.00 11.12 -26.60
N GLY C 94 1.74 10.80 -26.88
CA GLY C 94 1.41 9.88 -27.93
C GLY C 94 1.81 8.44 -27.66
N THR C 95 3.05 8.10 -28.02
CA THR C 95 3.54 6.75 -27.85
C THR C 95 4.90 6.67 -27.14
N ASP C 96 5.61 7.79 -26.96
CA ASP C 96 6.92 7.84 -26.32
C ASP C 96 6.81 8.60 -25.01
N PHE C 97 7.20 7.94 -23.90
CA PHE C 97 7.09 8.50 -22.56
C PHE C 97 8.38 8.25 -21.78
N THR C 98 8.80 9.23 -20.97
CA THR C 98 9.97 9.08 -20.13
C THR C 98 9.70 9.58 -18.72
N LEU C 99 10.25 8.87 -17.74
CA LEU C 99 10.28 9.33 -16.36
C LEU C 99 11.70 9.77 -16.03
N THR C 100 11.83 10.89 -15.32
CA THR C 100 13.12 11.49 -15.02
C THR C 100 13.18 11.86 -13.54
N ILE C 101 14.32 11.61 -12.91
CA ILE C 101 14.62 12.09 -11.57
C ILE C 101 15.73 13.14 -11.68
N SER C 102 15.42 14.38 -11.28
CA SER C 102 16.36 15.49 -11.41
C SER C 102 17.68 15.20 -10.69
N SER C 103 17.60 14.69 -9.47
CA SER C 103 18.79 14.31 -8.71
C SER C 103 18.39 13.13 -7.82
N VAL C 104 18.80 11.93 -8.22
CA VAL C 104 18.35 10.73 -7.53
C VAL C 104 18.93 10.70 -6.13
N GLN C 105 18.17 10.12 -5.21
CA GLN C 105 18.56 10.02 -3.81
C GLN C 105 18.79 8.57 -3.44
N ALA C 106 19.42 8.36 -2.29
CA ALA C 106 19.70 7.00 -1.84
C ALA C 106 18.41 6.23 -1.55
N GLU C 107 17.31 6.95 -1.28
CA GLU C 107 16.03 6.31 -1.01
C GLU C 107 15.26 5.96 -2.28
N ASP C 108 15.66 6.54 -3.42
CA ASP C 108 14.92 6.37 -4.66
C ASP C 108 15.02 4.97 -5.24
N LEU C 109 15.82 4.08 -4.65
CA LEU C 109 15.97 2.75 -5.24
C LEU C 109 14.62 2.04 -5.24
N ALA C 110 14.21 1.58 -6.41
CA ALA C 110 12.88 0.98 -6.57
C ALA C 110 12.76 0.38 -7.96
N ASP C 111 11.67 -0.35 -8.16
CA ASP C 111 11.22 -0.78 -9.48
C ASP C 111 10.16 0.22 -9.95
N TYR C 112 10.41 0.87 -11.07
CA TYR C 112 9.52 1.90 -11.60
C TYR C 112 8.69 1.31 -12.74
N PHE C 113 7.37 1.34 -12.58
CA PHE C 113 6.43 0.74 -13.51
C PHE C 113 5.66 1.83 -14.24
N CYS C 114 5.57 1.73 -15.55
CA CYS C 114 4.68 2.59 -16.31
C CYS C 114 3.44 1.79 -16.69
N GLN C 115 2.28 2.44 -16.61
CA GLN C 115 1.00 1.81 -16.87
C GLN C 115 0.11 2.75 -17.66
N GLN C 116 -0.60 2.22 -18.64
CA GLN C 116 -1.60 2.99 -19.37
C GLN C 116 -2.94 2.84 -18.68
N HIS C 117 -3.61 3.96 -18.42
CA HIS C 117 -4.98 3.93 -17.94
C HIS C 117 -5.91 4.45 -19.02
N TYR C 118 -5.75 3.93 -20.23
CA TYR C 118 -6.51 4.37 -21.39
C TYR C 118 -7.66 3.42 -21.73
N SER C 119 -7.36 2.16 -22.01
CA SER C 119 -8.35 1.19 -22.45
C SER C 119 -8.21 -0.10 -21.67
N THR C 120 -9.34 -0.81 -21.50
CA THR C 120 -9.38 -2.12 -20.87
C THR C 120 -8.81 -3.17 -21.82
N PRO C 121 -7.97 -4.09 -21.32
CA PRO C 121 -7.49 -4.11 -19.94
C PRO C 121 -6.29 -3.20 -19.74
N TYR C 122 -6.23 -2.56 -18.59
CA TYR C 122 -5.13 -1.65 -18.31
C TYR C 122 -3.85 -2.46 -18.09
N THR C 123 -2.86 -2.22 -18.94
CA THR C 123 -1.65 -3.02 -18.97
C THR C 123 -0.47 -2.26 -18.36
N PHE C 124 0.48 -3.01 -17.84
CA PHE C 124 1.65 -2.47 -17.17
C PHE C 124 2.90 -2.71 -18.00
N GLY C 125 3.93 -1.91 -17.72
CA GLY C 125 5.22 -2.12 -18.33
C GLY C 125 5.98 -3.24 -17.64
N GLY C 126 7.18 -3.51 -18.16
CA GLY C 126 8.02 -4.52 -17.54
C GLY C 126 8.60 -4.04 -16.21
N GLY C 127 8.92 -2.76 -16.12
CA GLY C 127 9.49 -2.15 -14.93
C GLY C 127 10.97 -1.88 -15.11
N THR C 128 11.43 -0.76 -14.56
CA THR C 128 12.84 -0.36 -14.61
C THR C 128 13.35 -0.29 -13.17
N LYS C 129 14.27 -1.20 -12.83
CA LYS C 129 14.85 -1.25 -11.48
C LYS C 129 15.99 -0.26 -11.37
N LEU C 130 15.90 0.67 -10.41
CA LEU C 130 16.91 1.68 -10.18
C LEU C 130 17.80 1.28 -9.00
N GLU C 131 19.10 1.16 -9.25
CA GLU C 131 20.12 0.94 -8.24
C GLU C 131 20.89 2.23 -7.98
N ILE C 132 21.54 2.28 -6.83
CA ILE C 132 22.40 3.42 -6.47
C ILE C 132 23.86 3.03 -6.61
N ARG C 133 24.65 3.91 -7.19
CA ARG C 133 26.09 3.74 -7.29
C ARG C 133 26.76 4.52 -6.16
N ARG C 134 27.58 3.82 -5.38
CA ARG C 134 28.32 4.41 -4.28
C ARG C 134 29.77 3.98 -4.36
N ALA C 135 30.57 4.41 -3.39
CA ALA C 135 31.96 4.01 -3.30
C ALA C 135 32.08 2.55 -2.88
N ASP C 136 33.11 1.89 -3.41
CA ASP C 136 33.33 0.48 -3.08
C ASP C 136 33.43 0.29 -1.58
N ALA C 137 33.06 -0.91 -1.13
CA ALA C 137 33.05 -1.22 0.29
C ALA C 137 33.43 -2.67 0.52
N ALA C 138 34.15 -2.91 1.59
CA ALA C 138 34.55 -4.27 1.86
C ALA C 138 33.50 -4.97 2.74
N PRO C 139 33.33 -6.28 2.56
CA PRO C 139 32.35 -6.99 3.39
C PRO C 139 32.91 -7.27 4.78
N THR C 140 32.03 -7.12 5.78
CA THR C 140 32.31 -7.53 7.15
C THR C 140 31.82 -8.97 7.31
N VAL C 141 32.74 -9.90 7.53
CA VAL C 141 32.43 -11.32 7.55
C VAL C 141 32.42 -11.84 8.98
N SER C 142 31.37 -12.59 9.32
CA SER C 142 31.25 -13.25 10.61
C SER C 142 30.72 -14.65 10.37
N ILE C 143 31.45 -15.66 10.85
CA ILE C 143 31.06 -17.06 10.74
C ILE C 143 30.55 -17.54 12.10
N PHE C 144 29.49 -18.35 12.09
CA PHE C 144 28.87 -18.87 13.31
C PHE C 144 28.79 -20.38 13.23
N PRO C 145 29.48 -21.12 14.10
CA PRO C 145 29.27 -22.56 14.17
C PRO C 145 27.91 -22.87 14.75
N PRO C 146 27.40 -24.07 14.52
CA PRO C 146 26.01 -24.37 14.90
C PRO C 146 25.79 -24.23 16.40
N SER C 147 24.54 -23.92 16.75
CA SER C 147 24.14 -23.76 18.14
C SER C 147 24.05 -25.13 18.82
N SER C 148 23.97 -25.09 20.15
CA SER C 148 23.83 -26.33 20.90
C SER C 148 22.42 -26.89 20.80
N GLU C 149 21.41 -26.02 20.74
CA GLU C 149 20.04 -26.49 20.60
C GLU C 149 19.85 -27.26 19.30
N GLN C 150 20.53 -26.83 18.24
CA GLN C 150 20.44 -27.52 16.97
C GLN C 150 21.16 -28.87 17.00
N LEU C 151 22.31 -28.94 17.68
CA LEU C 151 23.09 -30.17 17.71
C LEU C 151 22.35 -31.29 18.44
N THR C 152 21.55 -30.95 19.45
CA THR C 152 20.80 -31.98 20.15
C THR C 152 19.66 -32.54 19.29
N SER C 153 19.17 -31.76 18.34
CA SER C 153 18.10 -32.19 17.45
C SER C 153 18.58 -33.11 16.34
N GLY C 154 19.89 -33.19 16.12
CA GLY C 154 20.46 -34.11 15.13
C GLY C 154 21.10 -33.45 13.94
N GLY C 155 20.96 -32.14 13.77
CA GLY C 155 21.52 -31.44 12.63
C GLY C 155 22.52 -30.36 13.06
N ALA C 156 23.20 -29.81 12.07
CA ALA C 156 24.18 -28.75 12.30
C ALA C 156 24.24 -27.85 11.08
N SER C 157 24.10 -26.54 11.28
CA SER C 157 24.25 -25.57 10.20
C SER C 157 25.29 -24.53 10.57
N VAL C 158 26.21 -24.25 9.65
CA VAL C 158 27.18 -23.18 9.81
C VAL C 158 26.68 -21.97 9.02
N VAL C 159 26.69 -20.81 9.66
CA VAL C 159 26.21 -19.58 9.05
C VAL C 159 27.39 -18.64 8.85
N CYS C 160 27.37 -17.92 7.73
CA CYS C 160 28.40 -16.96 7.39
C CYS C 160 27.73 -15.70 6.87
N PHE C 161 27.94 -14.57 7.53
CA PHE C 161 27.33 -13.31 7.14
C PHE C 161 28.34 -12.44 6.40
N LEU C 162 27.85 -11.71 5.40
CA LEU C 162 28.69 -10.82 4.59
C LEU C 162 27.91 -9.51 4.45
N ASN C 163 28.25 -8.53 5.28
CA ASN C 163 27.43 -7.34 5.45
C ASN C 163 28.08 -6.10 4.85
N ASN C 164 27.22 -5.21 4.33
CA ASN C 164 27.54 -3.82 4.00
C ASN C 164 28.74 -3.71 3.06
N PHE C 165 28.69 -4.47 1.97
CA PHE C 165 29.70 -4.44 0.91
C PHE C 165 29.10 -3.84 -0.35
N TYR C 166 29.98 -3.43 -1.26
CA TYR C 166 29.60 -2.88 -2.55
C TYR C 166 30.75 -3.09 -3.51
N PRO C 167 30.48 -3.47 -4.78
CA PRO C 167 29.17 -3.72 -5.39
C PRO C 167 28.53 -5.05 -4.98
N LYS C 168 27.39 -5.39 -5.58
CA LYS C 168 26.62 -6.56 -5.16
C LYS C 168 27.27 -7.88 -5.58
N ASP C 169 28.13 -7.87 -6.59
CA ASP C 169 28.73 -9.10 -7.06
C ASP C 169 29.71 -9.64 -6.03
N ILE C 170 29.52 -10.89 -5.60
CA ILE C 170 30.37 -11.51 -4.60
C ILE C 170 30.20 -13.02 -4.69
N ASN C 171 31.24 -13.76 -4.29
CA ASN C 171 31.18 -15.21 -4.29
C ASN C 171 31.63 -15.78 -2.96
N VAL C 172 31.13 -16.98 -2.64
CA VAL C 172 31.39 -17.66 -1.38
C VAL C 172 31.76 -19.11 -1.68
N LYS C 173 32.82 -19.60 -1.05
CA LYS C 173 33.21 -21.01 -1.13
C LYS C 173 33.38 -21.53 0.29
N TRP C 174 32.71 -22.63 0.61
CA TRP C 174 32.86 -23.27 1.90
C TRP C 174 33.97 -24.31 1.82
N LYS C 175 34.86 -24.32 2.80
CA LYS C 175 35.97 -25.26 2.85
C LYS C 175 35.90 -26.05 4.15
N ILE C 176 35.73 -27.37 4.03
CA ILE C 176 35.71 -28.28 5.17
C ILE C 176 37.05 -28.98 5.22
N ASP C 177 37.82 -28.73 6.28
CA ASP C 177 39.18 -29.26 6.42
C ASP C 177 40.08 -28.84 5.25
N GLY C 178 39.78 -27.69 4.64
CA GLY C 178 40.52 -27.21 3.50
C GLY C 178 40.04 -27.70 2.16
N SER C 179 39.00 -28.55 2.13
CA SER C 179 38.45 -29.06 0.88
C SER C 179 37.14 -28.37 0.57
N GLU C 180 36.92 -28.11 -0.72
CA GLU C 180 35.70 -27.43 -1.14
C GLU C 180 34.49 -28.32 -0.96
N ARG C 181 33.37 -27.72 -0.55
CA ARG C 181 32.09 -28.40 -0.41
C ARG C 181 31.03 -27.54 -1.08
N GLN C 182 30.17 -28.18 -1.88
CA GLN C 182 29.21 -27.46 -2.69
C GLN C 182 27.75 -27.78 -2.35
N ASN C 183 27.42 -29.03 -2.05
CA ASN C 183 26.05 -29.38 -1.70
C ASN C 183 25.80 -29.14 -0.22
N GLY C 184 24.59 -28.69 0.11
CA GLY C 184 24.23 -28.32 1.45
C GLY C 184 24.24 -26.82 1.72
N VAL C 185 24.63 -26.02 0.73
CA VAL C 185 24.77 -24.57 0.88
C VAL C 185 23.50 -23.89 0.38
N LEU C 186 23.08 -22.85 1.09
CA LEU C 186 21.92 -22.05 0.71
C LEU C 186 22.21 -20.59 1.02
N ASN C 187 21.97 -19.71 0.04
CA ASN C 187 22.37 -18.31 0.14
C ASN C 187 21.15 -17.41 0.11
N SER C 188 21.35 -16.17 0.53
CA SER C 188 20.29 -15.17 0.55
C SER C 188 20.92 -13.79 0.45
N TRP C 189 20.25 -12.87 -0.25
CA TRP C 189 20.75 -11.51 -0.39
C TRP C 189 19.67 -10.52 0.04
N THR C 190 20.08 -9.49 0.78
CA THR C 190 19.18 -8.39 1.09
C THR C 190 19.10 -7.40 -0.08
N ASP C 191 18.00 -6.67 -0.15
CA ASP C 191 17.91 -5.57 -1.09
C ASP C 191 18.87 -4.45 -0.67
N GLN C 192 19.22 -3.61 -1.65
CA GLN C 192 20.15 -2.53 -1.38
C GLN C 192 19.62 -1.63 -0.27
N ASP C 193 20.50 -1.29 0.66
CA ASP C 193 20.11 -0.46 1.79
C ASP C 193 19.72 0.95 1.32
N SER C 194 18.53 1.40 1.71
CA SER C 194 18.03 2.71 1.32
C SER C 194 18.80 3.87 1.93
N LYS C 195 19.75 3.60 2.85
CA LYS C 195 20.51 4.66 3.51
C LYS C 195 21.96 4.71 3.05
N ASP C 196 22.72 3.61 3.22
CA ASP C 196 24.12 3.58 2.81
C ASP C 196 24.35 2.94 1.45
N SER C 197 23.32 2.41 0.82
CA SER C 197 23.41 1.90 -0.55
C SER C 197 24.38 0.72 -0.67
N THR C 198 24.49 -0.08 0.39
CA THR C 198 25.33 -1.28 0.37
C THR C 198 24.48 -2.53 0.28
N TYR C 199 25.16 -3.67 0.12
CA TYR C 199 24.52 -4.97 0.00
C TYR C 199 25.02 -5.91 1.08
N SER C 200 24.16 -6.81 1.54
CA SER C 200 24.53 -7.81 2.52
C SER C 200 24.06 -9.19 2.09
N MET C 201 24.77 -10.23 2.50
CA MET C 201 24.54 -11.58 2.01
C MET C 201 24.73 -12.59 3.15
N SER C 202 23.81 -13.57 3.21
CA SER C 202 23.88 -14.68 4.15
C SER C 202 24.09 -16.00 3.41
N SER C 203 24.83 -16.92 4.05
CA SER C 203 25.19 -18.19 3.42
C SER C 203 25.29 -19.27 4.48
N THR C 204 24.36 -20.22 4.46
CA THR C 204 24.22 -21.25 5.48
C THR C 204 24.50 -22.63 4.89
N LEU C 205 25.54 -23.29 5.40
CA LEU C 205 25.88 -24.65 5.03
C LEU C 205 25.34 -25.62 6.08
N THR C 206 24.59 -26.62 5.65
CA THR C 206 23.92 -27.54 6.55
C THR C 206 24.51 -28.94 6.42
N LEU C 207 24.74 -29.58 7.56
CA LEU C 207 25.28 -30.94 7.66
C LEU C 207 24.40 -31.76 8.57
N THR C 208 24.78 -33.03 8.75
CA THR C 208 24.25 -33.86 9.81
C THR C 208 25.25 -33.89 10.96
N LYS C 209 24.74 -34.27 12.14
CA LYS C 209 25.56 -34.16 13.35
C LYS C 209 26.82 -35.01 13.23
N ASP C 210 26.72 -36.19 12.62
CA ASP C 210 27.89 -37.05 12.52
C ASP C 210 28.84 -36.58 11.43
N GLU C 211 28.29 -36.08 10.32
CA GLU C 211 29.14 -35.49 9.31
C GLU C 211 29.85 -34.26 9.84
N TYR C 212 29.17 -33.47 10.68
CA TYR C 212 29.80 -32.28 11.25
C TYR C 212 30.90 -32.65 12.22
N GLU C 213 30.63 -33.60 13.12
CA GLU C 213 31.63 -33.99 14.10
C GLU C 213 32.76 -34.81 13.49
N ARG C 214 32.66 -35.17 12.21
CA ARG C 214 33.70 -35.93 11.52
C ARG C 214 34.71 -35.03 10.83
N HIS C 215 34.70 -33.73 11.11
CA HIS C 215 35.66 -32.79 10.53
C HIS C 215 36.01 -31.73 11.58
N ASN C 216 37.03 -30.93 11.28
CA ASN C 216 37.63 -30.04 12.27
C ASN C 216 37.51 -28.55 11.97
N SER C 217 37.72 -28.15 10.72
CA SER C 217 37.96 -26.74 10.40
C SER C 217 36.70 -25.95 10.06
N TYR C 218 36.16 -26.14 8.86
CA TYR C 218 35.06 -25.33 8.34
C TYR C 218 35.49 -23.89 8.12
N THR C 219 35.93 -23.58 6.91
CA THR C 219 36.30 -22.23 6.51
C THR C 219 35.23 -21.67 5.57
N CYS C 220 34.91 -20.39 5.76
CA CYS C 220 33.97 -19.67 4.89
C CYS C 220 34.78 -18.64 4.11
N GLU C 221 35.03 -18.93 2.83
CA GLU C 221 35.88 -18.10 1.98
C GLU C 221 35.03 -17.22 1.08
N ALA C 222 35.43 -15.95 0.98
CA ALA C 222 34.72 -14.95 0.19
C ALA C 222 35.69 -14.19 -0.70
N THR C 223 35.30 -13.99 -1.95
CA THR C 223 36.07 -13.20 -2.91
C THR C 223 35.25 -12.02 -3.38
N HIS C 224 35.87 -10.84 -3.35
CA HIS C 224 35.21 -9.59 -3.70
C HIS C 224 36.23 -8.69 -4.38
N LYS C 225 35.73 -7.84 -5.28
CA LYS C 225 36.63 -7.00 -6.06
C LYS C 225 37.40 -5.99 -5.22
N THR C 226 37.03 -5.81 -3.95
CA THR C 226 37.72 -4.84 -3.09
C THR C 226 39.00 -5.39 -2.50
N SER C 227 39.36 -6.64 -2.81
CA SER C 227 40.61 -7.22 -2.33
C SER C 227 41.07 -8.28 -3.30
N THR C 228 42.38 -8.29 -3.58
CA THR C 228 42.92 -9.33 -4.45
C THR C 228 42.96 -10.68 -3.76
N SER C 229 43.22 -10.68 -2.45
CA SER C 229 43.25 -11.86 -1.61
C SER C 229 41.86 -12.15 -1.06
N PRO C 230 41.41 -13.41 -1.07
CA PRO C 230 40.10 -13.73 -0.52
C PRO C 230 40.04 -13.51 0.99
N ILE C 231 38.86 -13.13 1.45
CA ILE C 231 38.64 -12.95 2.89
C ILE C 231 38.31 -14.32 3.49
N VAL C 232 39.07 -14.70 4.51
CA VAL C 232 38.93 -16.02 5.15
C VAL C 232 38.44 -15.83 6.57
N LYS C 233 37.40 -16.58 6.94
CA LYS C 233 36.96 -16.70 8.32
C LYS C 233 36.72 -18.17 8.63
N SER C 234 37.39 -18.68 9.66
CA SER C 234 37.28 -20.10 9.99
C SER C 234 37.27 -20.25 11.50
N PHE C 235 37.01 -21.47 11.95
CA PHE C 235 37.08 -21.81 13.36
C PHE C 235 37.57 -23.25 13.46
N ASN C 236 37.59 -23.77 14.68
CA ASN C 236 37.86 -25.17 14.94
C ASN C 236 36.86 -25.64 15.99
N ARG C 237 36.67 -26.95 16.05
CA ARG C 237 35.83 -27.55 17.08
C ARG C 237 36.65 -27.79 18.35
N ASN C 238 37.14 -26.70 18.92
CA ASN C 238 37.97 -26.72 20.12
C ASN C 238 37.56 -25.61 21.09
#